data_7B7H
#
_entry.id   7B7H
#
_cell.length_a   47.333
_cell.length_b   47.298
_cell.length_c   51.112
_cell.angle_alpha   61.947
_cell.angle_beta   67.920
_cell.angle_gamma   88.272
#
_symmetry.space_group_name_H-M   'P 1'
#
loop_
_entity.id
_entity.type
_entity.pdbx_description
1 polymer 'Putative acetyl xylan esterase'
2 non-polymer 'alpha-D-glucopyranuronic acid'
3 non-polymer 'DIMETHYL SULFOXIDE'
4 non-polymer 'SODIUM ION'
5 non-polymer 1,2-ETHANEDIOL
6 non-polymer GLYCINE
7 water water
#
_entity_poly.entity_id   1
_entity_poly.type   'polypeptide(L)'
_entity_poly.pdbx_seq_one_letter_code
;MGSSHHHHHHSSENLYFQGHSAYTLPDPLVGADGTRVHDRATWQHRRRPELLQLFAREVYGRTPLGRPEGMVFKVTTMEH
AALGGAATRKEVTVRFGRDPNAPSMQLLLYVPNAVIARAERAPVFLGLNFYGNHTVHTDPAIALSARWIPAEAPNGANHR
ATEAARGSDAQKWPVEQILARGYAVATVYCGDLCPDRPDGLNASVASWLDAAAGDQRAPDAWGAIGVWAWGLSRALDYLE
TDPLVDASRVAVHGHSALGKAALWAGAQDDRFALVISNESGCGGAALSKRIHGETVARINTVFPHWFARNFRRYDDHEEA
LPVDQHELLALVAPRPLYVASAEDDDWADPRGEFLAVKAAEPVFRLFGQTGPSGEDVPRVNEPSGGALRYHIRPGPHGMT
AQDWAFYLAFADEWLKSALPA
;
_entity_poly.pdbx_strand_id   A
#
loop_
_chem_comp.id
_chem_comp.type
_chem_comp.name
_chem_comp.formula
DMS non-polymer 'DIMETHYL SULFOXIDE' 'C2 H6 O S'
EDO non-polymer 1,2-ETHANEDIOL 'C2 H6 O2'
GCU D-saccharide, alpha linking 'alpha-D-glucopyranuronic acid' 'C6 H10 O7'
NA non-polymer 'SODIUM ION' 'Na 1'
#
# COMPACT_ATOMS: atom_id res chain seq x y z
N ALA A 22 18.99 -6.74 -15.91
CA ALA A 22 19.64 -7.55 -16.93
C ALA A 22 18.92 -7.38 -18.28
N TYR A 23 17.63 -7.05 -18.22
CA TYR A 23 16.82 -6.76 -19.38
C TYR A 23 16.37 -5.29 -19.35
N THR A 24 16.37 -4.67 -20.52
CA THR A 24 16.05 -3.25 -20.65
C THR A 24 14.63 -2.96 -20.18
N LEU A 25 14.46 -1.84 -19.49
CA LEU A 25 13.14 -1.48 -19.00
C LEU A 25 12.34 -0.80 -20.09
N PRO A 26 11.04 -1.08 -20.20
CA PRO A 26 10.20 -0.26 -21.09
C PRO A 26 10.19 1.19 -20.61
N ASP A 27 10.04 2.09 -21.56
CA ASP A 27 10.06 3.51 -21.26
C ASP A 27 8.68 3.94 -20.79
N PRO A 28 8.51 4.43 -19.57
CA PRO A 28 7.16 4.84 -19.13
C PRO A 28 6.55 5.90 -20.02
N LEU A 29 7.38 6.65 -20.74
CA LEU A 29 6.96 7.77 -21.58
C LEU A 29 6.84 7.39 -23.04
N VAL A 30 6.82 6.10 -23.36
CA VAL A 30 6.56 5.60 -24.70
C VAL A 30 5.30 4.75 -24.63
N GLY A 31 4.24 5.20 -25.30
CA GLY A 31 2.98 4.49 -25.28
C GLY A 31 3.07 3.13 -25.95
N ALA A 32 1.97 2.38 -25.86
CA ALA A 32 1.93 1.05 -26.45
C ALA A 32 2.09 1.08 -27.97
N ASP A 33 1.82 2.22 -28.62
CA ASP A 33 1.96 2.32 -30.07
C ASP A 33 3.21 3.08 -30.50
N GLY A 34 4.09 3.40 -29.55
CA GLY A 34 5.33 4.09 -29.87
C GLY A 34 5.26 5.60 -29.79
N THR A 35 4.09 6.18 -29.52
CA THR A 35 4.01 7.63 -29.36
C THR A 35 4.74 8.05 -28.09
N ARG A 36 5.54 9.11 -28.19
CA ARG A 36 6.22 9.65 -27.03
C ARG A 36 5.28 10.56 -26.24
N VAL A 37 5.27 10.39 -24.92
CA VAL A 37 4.52 11.27 -24.03
C VAL A 37 5.45 12.41 -23.62
N HIS A 38 5.05 13.64 -23.90
CA HIS A 38 5.90 14.81 -23.66
C HIS A 38 5.33 15.74 -22.61
N ASP A 39 4.13 15.47 -22.10
CA ASP A 39 3.51 16.38 -21.16
C ASP A 39 2.63 15.61 -20.19
N ARG A 40 2.32 16.26 -19.08
CA ARG A 40 1.55 15.63 -18.02
C ARG A 40 0.10 15.40 -18.44
N ALA A 41 -0.42 16.19 -19.38
CA ALA A 41 -1.80 15.97 -19.81
C ALA A 41 -1.94 14.69 -20.65
N THR A 42 -0.99 14.44 -21.55
CA THR A 42 -0.98 13.17 -22.26
C THR A 42 -0.82 12.01 -21.30
N TRP A 43 0.10 12.15 -20.34
CA TRP A 43 0.31 11.14 -19.32
C TRP A 43 -1.00 10.78 -18.61
N GLN A 44 -1.65 11.78 -18.01
CA GLN A 44 -2.82 11.50 -17.18
C GLN A 44 -3.96 10.90 -17.99
N HIS A 45 -4.12 11.36 -19.23
CA HIS A 45 -5.32 11.00 -19.99
C HIS A 45 -5.10 9.84 -20.96
N ARG A 46 -3.86 9.52 -21.31
CA ARG A 46 -3.62 8.44 -22.25
C ARG A 46 -2.70 7.36 -21.69
N ARG A 47 -1.55 7.74 -21.18
CA ARG A 47 -0.57 6.75 -20.76
C ARG A 47 -0.94 6.12 -19.42
N ARG A 48 -1.42 6.92 -18.47
CA ARG A 48 -1.87 6.37 -17.18
C ARG A 48 -2.89 5.26 -17.34
N PRO A 49 -4.01 5.43 -18.05
CA PRO A 49 -4.97 4.31 -18.21
C PRO A 49 -4.37 3.10 -18.91
N GLU A 50 -3.45 3.28 -19.86
CA GLU A 50 -2.76 2.15 -20.49
C GLU A 50 -2.05 1.29 -19.46
N LEU A 51 -1.23 1.93 -18.62
CA LEU A 51 -0.42 1.22 -17.65
C LEU A 51 -1.26 0.56 -16.58
N LEU A 52 -2.32 1.25 -16.12
CA LEU A 52 -3.24 0.65 -15.15
C LEU A 52 -3.86 -0.63 -15.70
N GLN A 53 -4.30 -0.59 -16.96
CA GLN A 53 -4.83 -1.79 -17.60
C GLN A 53 -3.78 -2.87 -17.76
N LEU A 54 -2.54 -2.46 -18.05
CA LEU A 54 -1.48 -3.45 -18.24
C LEU A 54 -1.15 -4.13 -16.91
N PHE A 55 -1.00 -3.37 -15.84
CA PHE A 55 -0.76 -3.99 -14.53
C PHE A 55 -1.97 -4.80 -14.09
N ALA A 56 -3.18 -4.35 -14.41
CA ALA A 56 -4.35 -5.14 -14.06
C ALA A 56 -4.32 -6.48 -14.79
N ARG A 57 -4.13 -6.45 -16.09
CA ARG A 57 -4.24 -7.69 -16.89
C ARG A 57 -3.08 -8.64 -16.61
N GLU A 58 -1.86 -8.10 -16.51
CA GLU A 58 -0.66 -8.94 -16.57
C GLU A 58 -0.01 -9.20 -15.22
N VAL A 59 -0.33 -8.41 -14.19
CA VAL A 59 0.39 -8.54 -12.93
C VAL A 59 -0.57 -8.81 -11.76
N TYR A 60 -1.36 -7.81 -11.35
CA TYR A 60 -2.16 -7.90 -10.14
C TYR A 60 -3.53 -8.51 -10.37
N GLY A 61 -4.05 -8.49 -11.59
CA GLY A 61 -5.44 -8.81 -11.78
C GLY A 61 -6.33 -7.58 -11.77
N ARG A 62 -7.49 -7.72 -12.40
CA ARG A 62 -8.40 -6.59 -12.50
C ARG A 62 -9.18 -6.44 -11.19
N THR A 63 -9.33 -5.22 -10.74
CA THR A 63 -10.24 -4.94 -9.62
C THR A 63 -11.67 -4.98 -10.14
N PRO A 64 -12.50 -5.93 -9.70
CA PRO A 64 -13.81 -6.11 -10.33
C PRO A 64 -14.93 -5.24 -9.78
N LEU A 65 -14.71 -4.51 -8.68
CA LEU A 65 -15.71 -3.58 -8.20
C LEU A 65 -15.01 -2.50 -7.38
N GLY A 66 -15.63 -1.34 -7.35
CA GLY A 66 -15.21 -0.34 -6.39
C GLY A 66 -16.05 -0.46 -5.14
N ARG A 67 -16.73 0.61 -4.81
CA ARG A 67 -17.55 0.68 -3.62
C ARG A 67 -18.80 -0.20 -3.78
N PRO A 68 -19.02 -1.19 -2.92
CA PRO A 68 -20.26 -1.97 -2.98
C PRO A 68 -21.45 -1.14 -2.51
N GLU A 69 -22.62 -1.43 -3.08
CA GLU A 69 -23.77 -0.57 -2.81
C GLU A 69 -24.34 -0.78 -1.42
N GLY A 70 -24.03 -1.90 -0.77
CA GLY A 70 -24.62 -2.16 0.53
C GLY A 70 -23.62 -2.03 1.66
N MET A 71 -22.57 -1.26 1.43
CA MET A 71 -21.56 -1.06 2.47
C MET A 71 -22.15 -0.32 3.66
N VAL A 72 -21.86 -0.83 4.86
CA VAL A 72 -22.42 -0.30 6.10
C VAL A 72 -21.27 -0.08 7.08
N PHE A 73 -21.24 1.08 7.73
CA PHE A 73 -20.25 1.39 8.76
C PHE A 73 -20.91 1.35 10.13
N LYS A 74 -20.32 0.60 11.05
CA LYS A 74 -20.84 0.46 12.41
C LYS A 74 -19.70 0.71 13.38
N VAL A 75 -19.77 1.82 14.11
CA VAL A 75 -18.79 2.06 15.17
C VAL A 75 -19.14 1.14 16.33
N THR A 76 -18.29 0.15 16.61
CA THR A 76 -18.64 -0.80 17.66
C THR A 76 -18.10 -0.39 19.02
N THR A 77 -16.92 0.23 19.08
CA THR A 77 -16.39 0.76 20.33
C THR A 77 -15.81 2.14 20.10
N MET A 78 -15.91 2.98 21.11
CA MET A 78 -15.28 4.29 21.09
C MET A 78 -14.80 4.61 22.49
N GLU A 79 -13.49 4.85 22.61
CA GLU A 79 -12.86 5.05 23.90
C GLU A 79 -12.15 6.40 23.82
N HIS A 80 -12.58 7.34 24.65
CA HIS A 80 -12.13 8.73 24.54
C HIS A 80 -10.80 8.98 25.23
N ALA A 81 -10.33 8.06 26.06
CA ALA A 81 -9.13 8.24 26.86
C ALA A 81 -8.16 7.08 26.65
N ALA A 82 -7.98 6.64 25.42
CA ALA A 82 -7.09 5.52 25.20
C ALA A 82 -5.65 5.99 25.34
N LEU A 83 -4.76 5.05 25.65
CA LEU A 83 -3.33 5.33 25.80
C LEU A 83 -3.10 6.48 26.80
N GLY A 84 -3.65 6.31 28.00
CA GLY A 84 -3.45 7.27 29.06
C GLY A 84 -4.07 8.63 28.85
N GLY A 85 -4.97 8.77 27.88
CA GLY A 85 -5.59 10.04 27.55
C GLY A 85 -5.12 10.62 26.23
N ALA A 86 -4.15 10.00 25.57
CA ALA A 86 -3.54 10.64 24.40
C ALA A 86 -4.38 10.50 23.13
N ALA A 87 -5.22 9.46 23.04
CA ALA A 87 -5.91 9.15 21.80
C ALA A 87 -7.35 8.77 22.06
N THR A 88 -8.23 9.13 21.11
CA THR A 88 -9.55 8.53 21.02
C THR A 88 -9.42 7.28 20.16
N ARG A 89 -9.99 6.16 20.60
CA ARG A 89 -9.85 4.92 19.86
C ARG A 89 -11.22 4.47 19.42
N LYS A 90 -11.37 4.24 18.11
CA LYS A 90 -12.60 3.69 17.55
C LYS A 90 -12.32 2.33 16.93
N GLU A 91 -13.25 1.40 17.11
CA GLU A 91 -13.27 0.17 16.34
C GLU A 91 -14.53 0.19 15.48
N VAL A 92 -14.34 -0.02 14.19
CA VAL A 92 -15.37 0.16 13.18
C VAL A 92 -15.50 -1.14 12.36
N THR A 93 -16.72 -1.64 12.27
CA THR A 93 -17.00 -2.75 11.36
C THR A 93 -17.42 -2.14 10.03
N VAL A 94 -16.64 -2.39 8.99
CA VAL A 94 -17.02 -2.02 7.63
C VAL A 94 -17.60 -3.28 6.99
N ARG A 95 -18.93 -3.35 6.93
CA ARG A 95 -19.63 -4.48 6.34
C ARG A 95 -19.99 -4.16 4.89
N PHE A 96 -19.83 -5.15 3.99
CA PHE A 96 -19.98 -4.89 2.57
C PHE A 96 -21.33 -5.33 2.02
N GLY A 97 -22.26 -5.73 2.89
CA GLY A 97 -23.65 -5.86 2.53
C GLY A 97 -24.52 -5.44 3.69
N ARG A 98 -25.83 -5.31 3.43
CA ARG A 98 -26.74 -4.81 4.47
C ARG A 98 -27.14 -5.88 5.45
N ASP A 99 -27.30 -7.12 4.98
CA ASP A 99 -27.50 -8.25 5.86
C ASP A 99 -26.42 -8.22 6.94
N PRO A 100 -26.79 -8.20 8.22
CA PRO A 100 -25.76 -8.14 9.28
C PRO A 100 -24.80 -9.32 9.26
N ASN A 101 -25.07 -10.35 8.46
CA ASN A 101 -24.17 -11.48 8.29
C ASN A 101 -23.27 -11.33 7.08
N ALA A 102 -23.32 -10.20 6.39
CA ALA A 102 -22.51 -10.01 5.20
C ALA A 102 -21.04 -9.96 5.59
N PRO A 103 -20.14 -10.19 4.63
CA PRO A 103 -18.71 -10.14 4.96
C PRO A 103 -18.29 -8.73 5.35
N SER A 104 -17.30 -8.67 6.24
CA SER A 104 -16.89 -7.38 6.80
C SER A 104 -15.41 -7.42 7.16
N MET A 105 -14.88 -6.22 7.39
CA MET A 105 -13.53 -6.07 7.90
C MET A 105 -13.58 -5.13 9.11
N GLN A 106 -12.59 -5.27 9.98
N GLN A 106 -12.58 -5.26 9.97
CA GLN A 106 -12.55 -4.54 11.24
CA GLN A 106 -12.52 -4.55 11.25
C GLN A 106 -11.44 -3.49 11.18
C GLN A 106 -11.42 -3.49 11.18
N LEU A 107 -11.82 -2.22 11.20
CA LEU A 107 -10.89 -1.09 11.16
C LEU A 107 -10.66 -0.57 12.57
N LEU A 108 -9.40 -0.39 12.92
CA LEU A 108 -9.02 0.17 14.20
C LEU A 108 -8.43 1.55 13.94
N LEU A 109 -8.90 2.55 14.69
CA LEU A 109 -8.54 3.93 14.44
C LEU A 109 -8.16 4.61 15.74
N TYR A 110 -6.94 5.13 15.81
CA TYR A 110 -6.50 5.97 16.91
C TYR A 110 -6.42 7.41 16.40
N VAL A 111 -7.01 8.35 17.12
CA VAL A 111 -6.96 9.76 16.75
C VAL A 111 -6.29 10.51 17.88
N PRO A 112 -5.30 11.36 17.60
CA PRO A 112 -4.63 12.09 18.70
C PRO A 112 -5.58 13.11 19.34
N ASN A 113 -5.70 13.03 20.67
CA ASN A 113 -6.68 13.87 21.34
C ASN A 113 -6.27 15.35 21.31
N ALA A 114 -4.98 15.65 21.19
CA ALA A 114 -4.60 17.05 21.05
C ALA A 114 -5.18 17.64 19.77
N VAL A 115 -5.31 16.86 18.71
CA VAL A 115 -5.79 17.40 17.44
C VAL A 115 -7.30 17.61 17.48
N ILE A 116 -8.02 16.61 18.00
CA ILE A 116 -9.45 16.75 18.30
C ILE A 116 -9.68 18.00 19.16
N ALA A 117 -8.86 18.18 20.20
CA ALA A 117 -9.08 19.29 21.14
C ALA A 117 -9.02 20.64 20.45
N ARG A 118 -8.18 20.78 19.42
CA ARG A 118 -8.09 22.03 18.69
C ARG A 118 -9.06 22.09 17.53
N ALA A 119 -10.06 21.21 17.51
CA ALA A 119 -11.13 21.20 16.51
C ALA A 119 -10.57 21.12 15.09
N GLU A 120 -9.57 20.27 14.91
CA GLU A 120 -8.98 19.97 13.61
C GLU A 120 -9.29 18.52 13.23
N ARG A 121 -9.49 18.26 11.94
CA ARG A 121 -9.54 16.89 11.45
C ARG A 121 -8.11 16.42 11.18
N ALA A 122 -7.73 15.31 11.80
CA ALA A 122 -6.33 14.87 11.79
C ALA A 122 -5.97 14.20 10.45
N PRO A 123 -4.76 14.46 9.95
CA PRO A 123 -4.20 13.61 8.89
C PRO A 123 -3.98 12.21 9.42
N VAL A 124 -3.89 11.24 8.51
CA VAL A 124 -3.96 9.82 8.87
C VAL A 124 -2.85 9.02 8.20
N PHE A 125 -2.19 8.17 8.98
CA PHE A 125 -1.46 7.02 8.44
C PHE A 125 -2.38 5.80 8.41
N LEU A 126 -2.57 5.23 7.23
CA LEU A 126 -3.45 4.07 7.03
C LEU A 126 -2.67 2.93 6.41
N GLY A 127 -2.73 1.77 7.04
CA GLY A 127 -2.06 0.60 6.47
C GLY A 127 -2.62 -0.68 7.03
N LEU A 128 -2.44 -1.75 6.26
CA LEU A 128 -2.84 -3.07 6.72
C LEU A 128 -1.77 -3.64 7.65
N ASN A 129 -2.19 -4.58 8.52
CA ASN A 129 -1.25 -5.24 9.41
C ASN A 129 -1.21 -6.73 9.12
N PHE A 130 -0.15 -7.38 9.59
CA PHE A 130 0.10 -8.78 9.28
C PHE A 130 -0.52 -9.74 10.29
N TYR A 131 -0.63 -9.36 11.55
CA TYR A 131 -0.97 -10.33 12.58
C TYR A 131 -2.25 -10.00 13.34
N GLY A 132 -2.91 -8.89 13.04
CA GLY A 132 -4.16 -8.58 13.72
C GLY A 132 -4.12 -7.20 14.33
N ASN A 133 -5.27 -6.53 14.35
CA ASN A 133 -5.35 -5.18 14.92
C ASN A 133 -4.77 -5.15 16.33
N HIS A 134 -5.03 -6.20 17.12
CA HIS A 134 -4.54 -6.24 18.50
C HIS A 134 -3.03 -6.30 18.62
N THR A 135 -2.30 -6.63 17.54
CA THR A 135 -0.85 -6.74 17.63
C THR A 135 -0.12 -5.43 17.41
N VAL A 136 -0.81 -4.38 16.94
CA VAL A 136 -0.09 -3.14 16.66
C VAL A 136 0.28 -2.41 17.95
N HIS A 137 -0.43 -2.68 19.05
CA HIS A 137 -0.12 -2.09 20.34
C HIS A 137 -0.59 -3.04 21.43
N THR A 138 0.01 -2.91 22.62
CA THR A 138 -0.35 -3.80 23.74
C THR A 138 -1.73 -3.49 24.32
N ASP A 139 -2.32 -2.34 23.99
CA ASP A 139 -3.63 -1.86 24.42
C ASP A 139 -4.59 -3.03 24.61
N PRO A 140 -4.84 -3.45 25.85
CA PRO A 140 -5.59 -4.69 26.09
C PRO A 140 -7.08 -4.61 25.76
N ALA A 141 -7.59 -3.42 25.40
CA ALA A 141 -8.99 -3.29 25.00
C ALA A 141 -9.23 -3.56 23.53
N ILE A 142 -8.17 -3.66 22.71
CA ILE A 142 -8.35 -3.91 21.28
C ILE A 142 -9.05 -5.24 21.09
N ALA A 143 -10.21 -5.22 20.46
CA ALA A 143 -11.02 -6.43 20.24
C ALA A 143 -10.25 -7.49 19.47
N ALA A 165 -0.83 -12.50 22.30
CA ALA A 165 -0.22 -12.02 21.07
C ALA A 165 -0.37 -10.50 20.94
N ARG A 166 -0.86 -9.87 22.01
CA ARG A 166 -1.08 -8.44 22.01
C ARG A 166 0.23 -7.68 21.97
N GLY A 167 0.28 -6.64 21.12
CA GLY A 167 1.48 -5.83 20.97
C GLY A 167 2.68 -6.54 20.38
N SER A 168 2.53 -7.80 19.94
CA SER A 168 3.65 -8.61 19.48
C SER A 168 4.29 -8.11 18.19
N ASP A 169 3.67 -7.13 17.50
CA ASP A 169 4.24 -6.54 16.30
C ASP A 169 4.51 -5.05 16.51
N ALA A 170 4.72 -4.65 17.77
CA ALA A 170 4.84 -3.23 18.10
C ALA A 170 6.00 -2.57 17.38
N GLN A 171 7.10 -3.30 17.16
CA GLN A 171 8.28 -2.69 16.53
C GLN A 171 7.92 -2.04 15.20
N LYS A 172 7.02 -2.65 14.44
CA LYS A 172 6.60 -2.10 13.16
C LYS A 172 5.50 -1.04 13.29
N TRP A 173 4.98 -0.79 14.51
CA TRP A 173 3.84 0.10 14.69
C TRP A 173 4.08 1.02 15.89
N PRO A 174 4.86 2.09 15.70
CA PRO A 174 5.12 3.06 16.79
C PRO A 174 3.96 4.03 16.99
N VAL A 175 2.83 3.49 17.48
CA VAL A 175 1.55 4.20 17.44
C VAL A 175 1.60 5.48 18.25
N GLU A 176 2.14 5.40 19.47
CA GLU A 176 2.17 6.59 20.32
C GLU A 176 3.03 7.69 19.70
N GLN A 177 4.12 7.31 19.02
CA GLN A 177 4.98 8.33 18.41
C GLN A 177 4.30 9.00 17.22
N ILE A 178 3.56 8.22 16.42
CA ILE A 178 2.78 8.79 15.32
C ILE A 178 1.71 9.74 15.85
N LEU A 179 1.01 9.30 16.90
CA LEU A 179 0.00 10.14 17.52
C LEU A 179 0.62 11.43 18.05
N ALA A 180 1.70 11.30 18.82
CA ALA A 180 2.39 12.47 19.34
C ALA A 180 2.80 13.45 18.23
N ARG A 181 3.05 12.94 17.03
CA ARG A 181 3.38 13.83 15.92
C ARG A 181 2.14 14.41 15.25
N GLY A 182 0.95 14.09 15.75
CA GLY A 182 -0.27 14.70 15.26
C GLY A 182 -1.00 13.93 14.17
N TYR A 183 -0.71 12.64 14.00
CA TYR A 183 -1.37 11.85 12.97
C TYR A 183 -2.28 10.81 13.60
N ALA A 184 -3.46 10.65 13.02
CA ALA A 184 -4.25 9.46 13.33
C ALA A 184 -3.58 8.21 12.75
N VAL A 185 -3.91 7.06 13.34
CA VAL A 185 -3.41 5.76 12.91
C VAL A 185 -4.62 4.88 12.65
N ALA A 186 -4.76 4.39 11.42
CA ALA A 186 -5.86 3.50 11.03
C ALA A 186 -5.28 2.22 10.48
N THR A 187 -5.89 1.09 10.82
CA THR A 187 -5.33 -0.15 10.36
C THR A 187 -6.43 -1.19 10.28
N VAL A 188 -6.19 -2.18 9.43
CA VAL A 188 -7.06 -3.32 9.19
C VAL A 188 -6.17 -4.53 9.00
N TYR A 189 -6.61 -5.67 9.53
CA TYR A 189 -5.84 -6.91 9.41
C TYR A 189 -5.98 -7.44 7.98
N CYS A 190 -4.84 -7.69 7.31
CA CYS A 190 -4.90 -8.13 5.92
C CYS A 190 -5.74 -9.41 5.76
N GLY A 191 -5.72 -10.29 6.76
CA GLY A 191 -6.47 -11.54 6.68
C GLY A 191 -7.98 -11.39 6.78
N ASP A 192 -8.48 -10.24 7.24
CA ASP A 192 -9.91 -9.94 7.08
C ASP A 192 -10.31 -9.94 5.62
N LEU A 193 -9.39 -9.60 4.74
CA LEU A 193 -9.68 -9.42 3.32
C LEU A 193 -9.22 -10.61 2.49
N CYS A 194 -8.01 -11.14 2.75
CA CYS A 194 -7.50 -12.32 2.08
C CYS A 194 -6.33 -12.88 2.87
N PRO A 195 -6.24 -14.19 3.07
CA PRO A 195 -5.10 -14.77 3.79
C PRO A 195 -3.74 -14.42 3.18
N ASP A 196 -2.77 -14.30 4.08
CA ASP A 196 -1.40 -13.98 3.73
C ASP A 196 -0.70 -15.18 3.11
N ARG A 197 -0.72 -16.26 3.79
CA ARG A 197 -0.17 -17.50 3.29
C ARG A 197 -1.20 -18.26 2.46
N PRO A 198 -0.76 -19.03 1.46
CA PRO A 198 -1.72 -19.80 0.65
C PRO A 198 -2.44 -20.87 1.45
N ASP A 199 -1.95 -21.22 2.62
CA ASP A 199 -2.63 -22.16 3.52
C ASP A 199 -3.30 -21.44 4.69
N GLY A 200 -3.73 -20.20 4.46
CA GLY A 200 -4.43 -19.47 5.48
C GLY A 200 -5.91 -19.75 5.49
N LEU A 201 -6.54 -19.43 6.61
CA LEU A 201 -7.98 -19.49 6.71
C LEU A 201 -8.61 -18.29 6.03
N ASN A 202 -9.79 -18.50 5.45
CA ASN A 202 -10.54 -17.42 4.84
C ASN A 202 -11.38 -16.70 5.88
N ALA A 203 -11.29 -15.38 5.91
CA ALA A 203 -12.28 -14.56 6.59
C ALA A 203 -13.47 -14.33 5.65
N SER A 204 -14.53 -13.74 6.19
CA SER A 204 -15.79 -13.66 5.45
C SER A 204 -15.61 -12.99 4.09
N VAL A 205 -14.74 -11.98 4.00
CA VAL A 205 -14.49 -11.30 2.73
C VAL A 205 -13.76 -12.23 1.77
N ALA A 206 -12.72 -12.90 2.27
CA ALA A 206 -11.99 -13.85 1.43
C ALA A 206 -12.90 -14.98 0.96
N SER A 207 -13.76 -15.48 1.85
CA SER A 207 -14.73 -16.51 1.47
C SER A 207 -15.61 -16.04 0.32
N TRP A 208 -16.20 -14.84 0.46
CA TRP A 208 -17.11 -14.33 -0.57
C TRP A 208 -16.42 -14.26 -1.93
N LEU A 209 -15.17 -13.77 -1.95
CA LEU A 209 -14.43 -13.68 -3.21
C LEU A 209 -13.99 -15.06 -3.68
N ASP A 210 -13.54 -15.91 -2.75
CA ASP A 210 -13.17 -17.28 -3.09
C ASP A 210 -14.34 -18.01 -3.75
N ALA A 211 -15.52 -17.99 -3.09
CA ALA A 211 -16.71 -18.60 -3.67
C ALA A 211 -17.03 -18.02 -5.04
N ALA A 212 -16.93 -16.70 -5.19
CA ALA A 212 -17.22 -16.07 -6.48
C ALA A 212 -16.27 -16.53 -7.57
N ALA A 213 -15.02 -16.87 -7.20
CA ALA A 213 -14.02 -17.40 -8.15
C ALA A 213 -14.32 -18.84 -8.57
N GLY A 214 -15.45 -19.43 -8.16
CA GLY A 214 -15.77 -20.79 -8.54
C GLY A 214 -14.63 -21.73 -8.20
N ASP A 215 -14.33 -22.65 -9.12
CA ASP A 215 -13.23 -23.57 -8.90
C ASP A 215 -11.88 -23.02 -9.34
N GLN A 216 -11.85 -22.00 -10.21
CA GLN A 216 -10.57 -21.43 -10.64
C GLN A 216 -10.79 -19.98 -11.07
N ARG A 217 -9.76 -19.16 -10.85
CA ARG A 217 -9.84 -17.77 -11.25
C ARG A 217 -9.70 -17.63 -12.77
N ALA A 218 -10.32 -16.57 -13.31
CA ALA A 218 -9.99 -16.14 -14.64
C ALA A 218 -8.51 -15.73 -14.69
N PRO A 219 -7.89 -15.77 -15.87
CA PRO A 219 -6.44 -15.46 -15.94
C PRO A 219 -6.10 -14.04 -15.53
N ASP A 220 -7.00 -13.08 -15.77
CA ASP A 220 -6.79 -11.69 -15.41
C ASP A 220 -7.55 -11.27 -14.15
N ALA A 221 -7.99 -12.23 -13.35
CA ALA A 221 -8.70 -11.91 -12.11
C ALA A 221 -7.71 -11.58 -11.00
N TRP A 222 -8.17 -10.77 -10.03
CA TRP A 222 -7.25 -10.30 -9.01
C TRP A 222 -6.87 -11.43 -8.05
N GLY A 223 -5.79 -11.18 -7.33
CA GLY A 223 -5.29 -12.02 -6.25
C GLY A 223 -5.25 -11.22 -4.96
N ALA A 224 -4.46 -11.68 -3.99
CA ALA A 224 -4.49 -11.09 -2.66
C ALA A 224 -4.06 -9.63 -2.68
N ILE A 225 -3.06 -9.29 -3.50
CA ILE A 225 -2.58 -7.92 -3.48
C ILE A 225 -3.67 -6.97 -3.95
N GLY A 226 -4.47 -7.41 -4.94
CA GLY A 226 -5.58 -6.60 -5.41
C GLY A 226 -6.68 -6.46 -4.38
N VAL A 227 -7.00 -7.55 -3.68
CA VAL A 227 -8.00 -7.51 -2.61
C VAL A 227 -7.53 -6.61 -1.47
N TRP A 228 -6.26 -6.76 -1.08
CA TRP A 228 -5.70 -5.91 -0.03
C TRP A 228 -5.77 -4.45 -0.42
N ALA A 229 -5.41 -4.13 -1.66
CA ALA A 229 -5.48 -2.75 -2.12
C ALA A 229 -6.90 -2.23 -2.09
N TRP A 230 -7.85 -3.07 -2.52
CA TRP A 230 -9.26 -2.70 -2.49
C TRP A 230 -9.73 -2.41 -1.07
N GLY A 231 -9.28 -3.20 -0.11
CA GLY A 231 -9.70 -2.96 1.26
C GLY A 231 -9.17 -1.64 1.80
N LEU A 232 -7.94 -1.27 1.41
CA LEU A 232 -7.43 0.05 1.77
C LEU A 232 -8.32 1.16 1.23
N SER A 233 -8.81 1.01 -0.02
CA SER A 233 -9.69 2.05 -0.54
C SER A 233 -11.04 2.05 0.18
N ARG A 234 -11.52 0.88 0.63
CA ARG A 234 -12.74 0.88 1.43
C ARG A 234 -12.51 1.52 2.81
N ALA A 235 -11.33 1.30 3.41
CA ALA A 235 -11.01 2.00 4.65
C ALA A 235 -11.01 3.51 4.45
N LEU A 236 -10.47 3.98 3.32
CA LEU A 236 -10.53 5.41 3.03
C LEU A 236 -11.96 5.90 2.89
N ASP A 237 -12.83 5.07 2.31
CA ASP A 237 -14.26 5.39 2.28
C ASP A 237 -14.80 5.67 3.66
N TYR A 238 -14.39 4.87 4.65
CA TYR A 238 -14.85 5.13 6.00
C TYR A 238 -14.29 6.44 6.54
N LEU A 239 -12.99 6.67 6.32
CA LEU A 239 -12.35 7.88 6.81
C LEU A 239 -13.03 9.13 6.27
N GLU A 240 -13.58 9.08 5.06
CA GLU A 240 -14.30 10.22 4.50
C GLU A 240 -15.51 10.58 5.34
N THR A 241 -16.12 9.60 5.99
CA THR A 241 -17.32 9.85 6.78
C THR A 241 -17.03 10.18 8.24
N ASP A 242 -15.84 9.88 8.72
CA ASP A 242 -15.53 10.09 10.13
C ASP A 242 -15.11 11.54 10.33
N PRO A 243 -15.81 12.31 11.17
CA PRO A 243 -15.50 13.74 11.31
C PRO A 243 -14.24 14.02 12.08
N LEU A 244 -13.61 12.99 12.66
CA LEU A 244 -12.37 13.20 13.39
C LEU A 244 -11.14 13.21 12.50
N VAL A 245 -11.25 12.78 11.25
CA VAL A 245 -10.06 12.60 10.42
C VAL A 245 -10.26 13.27 9.07
N ASP A 246 -9.15 13.74 8.50
CA ASP A 246 -9.13 14.43 7.22
C ASP A 246 -8.80 13.39 6.16
N ALA A 247 -9.82 12.87 5.49
CA ALA A 247 -9.55 11.86 4.49
C ALA A 247 -8.83 12.41 3.26
N SER A 248 -8.68 13.73 3.15
CA SER A 248 -7.89 14.29 2.05
C SER A 248 -6.40 14.29 2.35
N ARG A 249 -5.99 13.87 3.55
CA ARG A 249 -4.61 13.87 3.96
C ARG A 249 -4.28 12.51 4.55
N VAL A 250 -4.37 11.49 3.71
CA VAL A 250 -4.15 10.11 4.13
C VAL A 250 -2.86 9.62 3.50
N ALA A 251 -1.95 9.15 4.34
CA ALA A 251 -0.72 8.48 3.92
C ALA A 251 -0.98 6.99 3.97
N VAL A 252 -1.01 6.35 2.82
CA VAL A 252 -1.23 4.90 2.77
C VAL A 252 0.14 4.23 2.72
N HIS A 253 0.40 3.37 3.69
CA HIS A 253 1.70 2.74 3.81
C HIS A 253 1.54 1.23 3.93
N GLY A 254 2.63 0.54 3.64
CA GLY A 254 2.69 -0.89 3.89
C GLY A 254 4.11 -1.38 3.92
N HIS A 255 4.30 -2.48 4.65
CA HIS A 255 5.57 -3.15 4.79
C HIS A 255 5.52 -4.46 4.02
N SER A 256 6.53 -4.74 3.19
CA SER A 256 6.66 -6.03 2.51
C SER A 256 5.44 -6.30 1.63
N ALA A 257 4.73 -7.43 1.79
CA ALA A 257 3.58 -7.71 0.93
C ALA A 257 2.51 -6.64 1.04
N LEU A 258 2.28 -6.12 2.24
CA LEU A 258 1.28 -5.06 2.41
C LEU A 258 1.75 -3.73 1.84
N GLY A 259 3.06 -3.57 1.61
CA GLY A 259 3.54 -2.46 0.80
C GLY A 259 3.35 -2.64 -0.69
N LYS A 260 3.40 -3.89 -1.18
CA LYS A 260 2.93 -4.13 -2.54
C LYS A 260 1.50 -3.63 -2.67
N ALA A 261 0.66 -3.96 -1.68
CA ALA A 261 -0.73 -3.56 -1.69
C ALA A 261 -0.88 -2.04 -1.58
N ALA A 262 -0.08 -1.40 -0.73
CA ALA A 262 -0.16 0.05 -0.62
C ALA A 262 0.15 0.72 -1.95
N LEU A 263 1.18 0.22 -2.66
CA LEU A 263 1.51 0.79 -3.97
C LEU A 263 0.34 0.60 -4.94
N TRP A 264 -0.20 -0.61 -5.01
CA TRP A 264 -1.26 -0.84 -5.95
C TRP A 264 -2.49 -0.03 -5.57
N ALA A 265 -2.76 0.13 -4.26
CA ALA A 265 -3.88 0.98 -3.83
C ALA A 265 -3.66 2.44 -4.24
N GLY A 266 -2.47 2.97 -4.00
CA GLY A 266 -2.21 4.37 -4.31
C GLY A 266 -2.27 4.64 -5.81
N ALA A 267 -1.82 3.67 -6.61
CA ALA A 267 -1.82 3.81 -8.06
C ALA A 267 -3.25 3.85 -8.61
N GLN A 268 -4.13 2.99 -8.10
CA GLN A 268 -5.48 2.94 -8.62
C GLN A 268 -6.35 4.05 -8.07
N ASP A 269 -6.14 4.43 -6.81
CA ASP A 269 -7.03 5.34 -6.09
C ASP A 269 -6.28 6.64 -5.85
N ASP A 270 -6.56 7.66 -6.65
CA ASP A 270 -5.80 8.90 -6.49
C ASP A 270 -6.34 9.79 -5.39
N ARG A 271 -7.31 9.31 -4.60
CA ARG A 271 -7.69 10.04 -3.39
C ARG A 271 -6.60 10.02 -2.33
N PHE A 272 -5.77 8.97 -2.31
CA PHE A 272 -4.69 8.89 -1.33
C PHE A 272 -3.70 10.03 -1.52
N ALA A 273 -3.37 10.71 -0.42
CA ALA A 273 -2.52 11.90 -0.50
C ALA A 273 -1.05 11.55 -0.71
N LEU A 274 -0.61 10.42 -0.17
CA LEU A 274 0.79 10.08 -0.05
C LEU A 274 0.92 8.56 0.04
N VAL A 275 1.95 8.00 -0.57
CA VAL A 275 2.12 6.54 -0.63
C VAL A 275 3.50 6.17 -0.11
N ILE A 276 3.55 5.19 0.79
CA ILE A 276 4.82 4.75 1.38
C ILE A 276 4.93 3.24 1.15
N SER A 277 6.03 2.82 0.53
CA SER A 277 6.36 1.41 0.33
C SER A 277 7.61 1.08 1.15
N ASN A 278 7.43 0.33 2.23
CA ASN A 278 8.56 -0.12 3.04
C ASN A 278 8.97 -1.53 2.61
N GLU A 279 10.10 -1.64 1.91
CA GLU A 279 10.73 -2.93 1.62
C GLU A 279 9.75 -3.90 0.95
N SER A 280 9.02 -3.39 -0.05
CA SER A 280 8.00 -4.20 -0.71
C SER A 280 8.58 -5.19 -1.72
N GLY A 281 9.81 -5.00 -2.23
CA GLY A 281 10.45 -6.09 -2.97
C GLY A 281 9.76 -6.51 -4.26
N CYS A 282 9.75 -7.83 -4.52
CA CYS A 282 9.36 -8.37 -5.82
C CYS A 282 7.88 -8.13 -6.08
N GLY A 283 7.56 -7.54 -7.23
CA GLY A 283 6.17 -7.23 -7.47
C GLY A 283 5.65 -6.06 -6.69
N GLY A 284 6.52 -5.32 -6.00
CA GLY A 284 6.18 -4.09 -5.35
C GLY A 284 7.00 -2.97 -5.95
N ALA A 285 8.06 -2.55 -5.27
CA ALA A 285 8.93 -1.55 -5.86
C ALA A 285 10.12 -2.13 -6.61
N ALA A 286 10.52 -3.38 -6.38
CA ALA A 286 11.73 -3.85 -7.05
C ALA A 286 11.45 -4.17 -8.52
N LEU A 287 12.41 -3.84 -9.38
CA LEU A 287 12.33 -4.18 -10.80
C LEU A 287 12.37 -5.70 -11.02
N SER A 288 11.33 -6.25 -11.67
CA SER A 288 11.36 -7.69 -11.95
C SER A 288 12.48 -8.04 -12.94
N LYS A 289 12.72 -7.19 -13.92
CA LYS A 289 13.72 -7.49 -14.94
C LYS A 289 15.17 -7.47 -14.42
N ARG A 290 15.42 -7.10 -13.17
CA ARG A 290 16.75 -7.28 -12.59
C ARG A 290 17.02 -8.71 -12.16
N ILE A 291 15.97 -9.52 -12.04
CA ILE A 291 16.01 -10.93 -11.63
C ILE A 291 17.01 -11.14 -10.49
N HIS A 292 16.91 -10.32 -9.46
CA HIS A 292 17.78 -10.38 -8.29
C HIS A 292 16.96 -10.66 -7.04
N GLY A 293 17.51 -11.50 -6.15
CA GLY A 293 16.78 -11.84 -4.94
C GLY A 293 15.57 -12.69 -5.30
N GLU A 294 14.41 -12.31 -4.77
CA GLU A 294 13.19 -13.02 -5.14
C GLU A 294 12.80 -12.68 -6.58
N THR A 295 12.46 -13.71 -7.33
CA THR A 295 12.10 -13.63 -8.74
C THR A 295 10.60 -13.87 -8.91
N VAL A 296 10.11 -13.59 -10.13
CA VAL A 296 8.70 -13.80 -10.43
C VAL A 296 8.33 -15.26 -10.23
N ALA A 297 9.19 -16.19 -10.66
CA ALA A 297 8.84 -17.60 -10.51
C ALA A 297 8.79 -18.00 -9.04
N ARG A 298 9.72 -17.46 -8.23
CA ARG A 298 9.78 -17.79 -6.81
C ARG A 298 8.56 -17.25 -6.05
N ILE A 299 8.13 -16.02 -6.35
CA ILE A 299 7.00 -15.47 -5.61
C ILE A 299 5.70 -16.17 -6.02
N ASN A 300 5.51 -16.42 -7.31
CA ASN A 300 4.31 -17.11 -7.77
C ASN A 300 4.27 -18.56 -7.27
N THR A 301 5.43 -19.18 -7.09
CA THR A 301 5.46 -20.55 -6.59
C THR A 301 5.06 -20.61 -5.12
N VAL A 302 5.65 -19.76 -4.29
CA VAL A 302 5.39 -19.80 -2.85
C VAL A 302 4.04 -19.15 -2.53
N PHE A 303 3.62 -18.16 -3.32
CA PHE A 303 2.42 -17.36 -3.05
C PHE A 303 1.57 -17.30 -4.29
N PRO A 304 0.95 -18.42 -4.70
CA PRO A 304 0.23 -18.45 -5.97
C PRO A 304 -1.04 -17.62 -5.98
N HIS A 305 -1.56 -17.24 -4.82
CA HIS A 305 -2.75 -16.39 -4.75
C HIS A 305 -2.46 -14.89 -4.71
N TRP A 306 -1.19 -14.47 -4.72
CA TRP A 306 -0.91 -13.05 -4.52
C TRP A 306 -1.18 -12.21 -5.77
N PHE A 307 -0.80 -12.71 -6.94
CA PHE A 307 -0.93 -12.02 -8.22
C PHE A 307 -2.00 -12.67 -9.09
N ALA A 308 -2.25 -12.06 -10.26
CA ALA A 308 -3.06 -12.70 -11.28
C ALA A 308 -2.39 -13.97 -11.78
N ARG A 309 -3.22 -14.93 -12.24
CA ARG A 309 -2.68 -16.10 -12.90
C ARG A 309 -1.77 -15.70 -14.07
N ASN A 310 -2.14 -14.63 -14.80
CA ASN A 310 -1.34 -14.18 -15.94
C ASN A 310 0.09 -13.85 -15.55
N PHE A 311 0.32 -13.39 -14.32
CA PHE A 311 1.68 -13.05 -13.91
C PHE A 311 2.58 -14.27 -13.91
N ARG A 312 2.00 -15.47 -13.79
CA ARG A 312 2.79 -16.71 -13.83
C ARG A 312 3.38 -16.96 -15.21
N ARG A 313 2.85 -16.33 -16.25
CA ARG A 313 3.41 -16.45 -17.59
C ARG A 313 4.78 -15.82 -17.69
N TYR A 314 5.18 -15.05 -16.69
CA TYR A 314 6.48 -14.41 -16.68
C TYR A 314 7.48 -15.12 -15.77
N ASP A 315 7.09 -16.29 -15.24
CA ASP A 315 8.01 -17.12 -14.47
C ASP A 315 9.24 -17.42 -15.31
N ASP A 316 10.43 -17.03 -14.82
CA ASP A 316 11.70 -17.20 -15.54
C ASP A 316 11.64 -16.63 -16.95
N HIS A 317 10.76 -15.67 -17.16
CA HIS A 317 10.59 -14.96 -18.41
C HIS A 317 10.38 -13.48 -18.18
N GLU A 318 11.11 -12.91 -17.21
CA GLU A 318 10.92 -11.49 -16.94
C GLU A 318 11.26 -10.62 -18.13
N GLU A 319 12.09 -11.09 -19.06
CA GLU A 319 12.40 -10.32 -20.26
C GLU A 319 11.14 -9.99 -21.05
N ALA A 320 10.09 -10.82 -20.95
CA ALA A 320 8.89 -10.60 -21.74
C ALA A 320 7.87 -9.67 -21.07
N LEU A 321 8.06 -9.29 -19.81
CA LEU A 321 7.10 -8.39 -19.16
C LEU A 321 6.95 -7.11 -19.97
N PRO A 322 5.72 -6.69 -20.27
CA PRO A 322 5.51 -5.44 -21.00
C PRO A 322 5.58 -4.20 -20.12
N VAL A 323 5.72 -4.38 -18.81
CA VAL A 323 5.81 -3.31 -17.83
C VAL A 323 6.89 -3.72 -16.82
N ASP A 324 7.33 -2.76 -16.01
CA ASP A 324 8.05 -3.15 -14.81
C ASP A 324 7.69 -2.15 -13.72
N GLN A 325 8.18 -2.42 -12.51
CA GLN A 325 7.64 -1.76 -11.33
C GLN A 325 7.93 -0.26 -11.28
N HIS A 326 8.87 0.25 -12.11
CA HIS A 326 9.05 1.70 -12.19
C HIS A 326 7.78 2.38 -12.70
N GLU A 327 7.00 1.67 -13.51
CA GLU A 327 5.77 2.22 -14.05
C GLU A 327 4.63 2.16 -13.05
N LEU A 328 4.71 1.25 -12.08
CA LEU A 328 3.78 1.27 -10.96
C LEU A 328 4.08 2.47 -10.07
N LEU A 329 5.35 2.69 -9.77
CA LEU A 329 5.71 3.89 -9.03
C LEU A 329 5.23 5.13 -9.75
N ALA A 330 5.34 5.15 -11.09
CA ALA A 330 4.96 6.32 -11.87
C ALA A 330 3.48 6.63 -11.79
N LEU A 331 2.63 5.61 -11.66
CA LEU A 331 1.20 5.83 -11.53
C LEU A 331 0.82 6.62 -10.28
N VAL A 332 1.74 6.77 -9.32
CA VAL A 332 1.41 7.57 -8.14
C VAL A 332 1.60 9.06 -8.40
N ALA A 333 2.43 9.41 -9.39
CA ALA A 333 2.72 10.80 -9.67
C ALA A 333 1.43 11.54 -10.04
N PRO A 334 1.30 12.82 -9.65
CA PRO A 334 2.33 13.63 -8.97
C PRO A 334 2.26 13.60 -7.46
N ARG A 335 1.48 12.67 -6.91
CA ARG A 335 1.35 12.61 -5.47
C ARG A 335 2.63 12.07 -4.85
N PRO A 336 3.01 12.54 -3.66
CA PRO A 336 4.29 12.12 -3.07
C PRO A 336 4.33 10.63 -2.80
N LEU A 337 5.51 10.04 -3.06
CA LEU A 337 5.76 8.62 -3.01
C LEU A 337 7.09 8.39 -2.32
N TYR A 338 7.10 7.51 -1.32
CA TYR A 338 8.29 7.15 -0.57
C TYR A 338 8.53 5.65 -0.72
N VAL A 339 9.71 5.28 -1.20
CA VAL A 339 10.13 3.89 -1.36
C VAL A 339 11.38 3.72 -0.51
N ALA A 340 11.42 2.66 0.30
CA ALA A 340 12.59 2.47 1.16
C ALA A 340 13.00 1.01 1.22
N SER A 341 14.31 0.80 1.44
CA SER A 341 14.93 -0.52 1.46
C SER A 341 15.71 -0.70 2.73
N ALA A 342 16.09 -1.95 2.97
CA ALA A 342 17.04 -2.32 4.02
C ALA A 342 18.28 -2.91 3.37
N GLU A 343 19.44 -2.53 3.92
CA GLU A 343 20.72 -2.82 3.28
C GLU A 343 20.96 -4.33 3.14
N ASP A 344 20.60 -5.10 4.17
CA ASP A 344 20.84 -6.54 4.17
C ASP A 344 19.69 -7.34 3.58
N ASP A 345 18.65 -6.67 3.08
CA ASP A 345 17.42 -7.33 2.59
C ASP A 345 17.60 -7.69 1.11
N ASP A 346 18.53 -8.61 0.84
CA ASP A 346 18.85 -8.97 -0.53
C ASP A 346 17.65 -9.58 -1.25
N TRP A 347 16.78 -10.28 -0.50
CA TRP A 347 15.58 -10.89 -1.08
C TRP A 347 14.72 -9.85 -1.80
N ALA A 348 14.66 -8.64 -1.25
CA ALA A 348 13.81 -7.59 -1.82
C ALA A 348 14.47 -6.85 -2.96
N ASP A 349 15.76 -7.05 -3.18
CA ASP A 349 16.56 -6.34 -4.17
C ASP A 349 16.54 -4.83 -3.92
N PRO A 350 17.25 -4.35 -2.90
CA PRO A 350 17.29 -2.89 -2.65
C PRO A 350 17.75 -2.07 -3.84
N ARG A 351 18.78 -2.54 -4.56
CA ARG A 351 19.21 -1.79 -5.73
C ARG A 351 18.13 -1.75 -6.80
N GLY A 352 17.41 -2.86 -6.97
CA GLY A 352 16.26 -2.87 -7.86
C GLY A 352 15.17 -1.92 -7.44
N GLU A 353 14.95 -1.78 -6.11
CA GLU A 353 13.98 -0.81 -5.61
C GLU A 353 14.43 0.62 -5.92
N PHE A 354 15.70 0.92 -5.65
CA PHE A 354 16.21 2.27 -5.96
C PHE A 354 16.16 2.56 -7.46
N LEU A 355 16.55 1.58 -8.29
CA LEU A 355 16.57 1.79 -9.73
C LEU A 355 15.16 1.94 -10.29
N ALA A 356 14.16 1.31 -9.69
CA ALA A 356 12.78 1.58 -10.07
C ALA A 356 12.39 3.02 -9.77
N VAL A 357 12.84 3.53 -8.62
CA VAL A 357 12.60 4.95 -8.29
C VAL A 357 13.21 5.85 -9.34
N LYS A 358 14.50 5.63 -9.65
CA LYS A 358 15.15 6.40 -10.71
C LYS A 358 14.41 6.30 -12.05
N ALA A 359 14.02 5.08 -12.45
CA ALA A 359 13.34 4.92 -13.74
C ALA A 359 11.95 5.53 -13.76
N ALA A 360 11.32 5.74 -12.60
CA ALA A 360 10.06 6.46 -12.53
C ALA A 360 10.24 7.98 -12.50
N GLU A 361 11.42 8.46 -12.15
CA GLU A 361 11.59 9.91 -11.99
C GLU A 361 11.16 10.72 -13.21
N PRO A 362 11.42 10.32 -14.46
CA PRO A 362 10.99 11.17 -15.60
C PRO A 362 9.50 11.47 -15.62
N VAL A 363 8.65 10.56 -15.12
CA VAL A 363 7.23 10.88 -15.03
C VAL A 363 6.98 11.93 -13.97
N PHE A 364 7.56 11.77 -12.78
CA PHE A 364 7.46 12.81 -11.77
C PHE A 364 7.99 14.13 -12.27
N ARG A 365 9.02 14.10 -13.12
CA ARG A 365 9.57 15.35 -13.66
C ARG A 365 8.60 16.03 -14.62
N LEU A 366 7.71 15.26 -15.27
CA LEU A 366 6.64 15.87 -16.05
C LEU A 366 5.78 16.81 -15.21
N PHE A 367 5.67 16.53 -13.91
CA PHE A 367 4.96 17.38 -12.98
C PHE A 367 5.90 18.30 -12.20
N GLY A 368 7.15 18.43 -12.65
CA GLY A 368 8.09 19.30 -11.97
C GLY A 368 8.54 18.80 -10.62
N GLN A 369 8.38 17.51 -10.34
N GLN A 369 8.29 17.54 -10.30
CA GLN A 369 8.75 16.93 -9.05
CA GLN A 369 8.77 16.99 -9.04
C GLN A 369 10.01 16.08 -9.20
C GLN A 369 10.13 16.34 -9.27
N THR A 370 10.84 16.11 -8.17
CA THR A 370 12.20 15.60 -8.25
C THR A 370 12.35 14.34 -7.42
N GLY A 371 13.07 13.37 -7.97
CA GLY A 371 13.41 12.17 -7.24
C GLY A 371 14.82 12.25 -6.69
N PRO A 372 15.34 11.10 -6.28
CA PRO A 372 16.70 11.05 -5.73
C PRO A 372 17.74 11.43 -6.78
N SER A 373 18.87 11.94 -6.30
CA SER A 373 19.89 12.43 -7.23
C SER A 373 20.49 11.31 -8.10
N PRO A 378 21.98 6.01 -3.13
CA PRO A 378 22.48 6.98 -2.17
C PRO A 378 23.18 6.30 -1.00
N ARG A 379 23.62 7.09 -0.04
CA ARG A 379 24.30 6.51 1.11
C ARG A 379 23.28 6.12 2.18
N VAL A 380 23.70 5.19 3.03
CA VAL A 380 22.81 4.65 4.05
C VAL A 380 22.36 5.74 5.02
N ASN A 381 21.08 5.67 5.39
CA ASN A 381 20.42 6.57 6.35
C ASN A 381 20.32 8.00 5.85
N GLU A 382 20.40 8.21 4.54
CA GLU A 382 20.30 9.55 3.96
C GLU A 382 19.18 9.55 2.92
N PRO A 383 17.95 9.89 3.32
CA PRO A 383 16.89 10.05 2.32
C PRO A 383 17.28 11.03 1.24
N SER A 384 16.68 10.87 0.07
CA SER A 384 17.06 11.65 -1.10
C SER A 384 15.84 11.77 -2.00
N GLY A 385 15.58 12.98 -2.47
CA GLY A 385 14.49 13.24 -3.39
C GLY A 385 13.42 14.13 -2.76
N GLY A 386 12.65 14.77 -3.63
CA GLY A 386 11.62 15.69 -3.19
C GLY A 386 10.29 14.99 -2.95
N ALA A 387 9.35 15.12 -3.88
CA ALA A 387 8.09 14.40 -3.77
C ALA A 387 8.29 12.90 -3.98
N LEU A 388 9.33 12.52 -4.72
CA LEU A 388 9.70 11.12 -4.96
C LEU A 388 10.93 10.86 -4.10
N ARG A 389 10.75 10.13 -3.00
CA ARG A 389 11.82 10.00 -2.02
C ARG A 389 12.22 8.54 -1.81
N TYR A 390 13.51 8.35 -1.52
CA TYR A 390 14.08 7.04 -1.26
C TYR A 390 15.03 7.11 -0.06
N HIS A 391 15.06 6.04 0.74
CA HIS A 391 16.18 5.85 1.65
C HIS A 391 16.47 4.36 1.75
N ILE A 392 17.69 4.05 2.16
CA ILE A 392 18.07 2.68 2.50
C ILE A 392 18.74 2.72 3.88
N ARG A 393 18.30 1.86 4.78
CA ARG A 393 18.86 1.84 6.13
C ARG A 393 19.69 0.58 6.33
N PRO A 394 20.59 0.56 7.32
CA PRO A 394 21.34 -0.66 7.59
C PRO A 394 20.44 -1.74 8.16
N GLY A 395 20.93 -2.97 8.06
CA GLY A 395 20.34 -4.07 8.77
C GLY A 395 19.36 -4.86 7.94
N PRO A 396 18.64 -5.76 8.60
CA PRO A 396 17.78 -6.70 7.88
C PRO A 396 16.38 -6.18 7.55
N HIS A 397 15.66 -7.03 6.82
CA HIS A 397 14.25 -6.79 6.49
C HIS A 397 13.47 -6.49 7.76
N GLY A 398 12.65 -5.44 7.70
CA GLY A 398 11.88 -5.02 8.85
C GLY A 398 11.35 -3.63 8.62
N MET A 399 10.71 -3.10 9.66
CA MET A 399 10.24 -1.71 9.63
C MET A 399 10.51 -1.12 11.00
N THR A 400 11.48 -0.21 11.07
CA THR A 400 12.08 0.23 12.31
C THR A 400 11.65 1.63 12.71
N ALA A 401 12.07 2.02 13.90
CA ALA A 401 11.85 3.40 14.35
C ALA A 401 12.44 4.41 13.39
N GLN A 402 13.61 4.11 12.81
CA GLN A 402 14.22 5.08 11.91
C GLN A 402 13.47 5.18 10.60
N ASP A 403 13.00 4.04 10.06
CA ASP A 403 12.09 4.10 8.92
C ASP A 403 10.95 5.07 9.17
N TRP A 404 10.28 4.92 10.33
CA TRP A 404 9.12 5.74 10.64
C TRP A 404 9.51 7.20 10.87
N ALA A 405 10.66 7.44 11.50
CA ALA A 405 11.14 8.82 11.64
C ALA A 405 11.23 9.50 10.28
N PHE A 406 11.80 8.79 9.29
CA PHE A 406 11.86 9.33 7.93
C PHE A 406 10.46 9.51 7.32
N TYR A 407 9.55 8.57 7.56
CA TYR A 407 8.22 8.71 6.98
C TYR A 407 7.45 9.85 7.63
N LEU A 408 7.58 10.01 8.96
CA LEU A 408 6.90 11.11 9.63
C LEU A 408 7.38 12.47 9.13
N ALA A 409 8.70 12.62 8.96
CA ALA A 409 9.24 13.88 8.43
C ALA A 409 8.73 14.14 7.02
N PHE A 410 8.68 13.10 6.19
CA PHE A 410 8.11 13.20 4.84
C PHE A 410 6.66 13.66 4.90
N ALA A 411 5.86 13.06 5.79
CA ALA A 411 4.45 13.43 5.86
C ALA A 411 4.28 14.84 6.35
N ASP A 412 5.13 15.25 7.30
CA ASP A 412 5.12 16.64 7.77
C ASP A 412 5.26 17.62 6.61
N GLU A 413 6.19 17.34 5.69
CA GLU A 413 6.40 18.24 4.57
C GLU A 413 5.18 18.33 3.67
N TRP A 414 4.49 17.21 3.47
CA TRP A 414 3.45 17.16 2.46
C TRP A 414 2.05 17.23 3.02
N LEU A 415 1.86 16.84 4.29
CA LEU A 415 0.52 16.83 4.87
C LEU A 415 0.32 17.87 5.97
N LYS A 416 1.38 18.48 6.50
CA LYS A 416 1.26 19.43 7.61
C LYS A 416 2.02 20.75 7.36
C1 GCU B . 8.15 -12.80 1.77
C2 GCU B . 7.88 -12.66 0.27
C3 GCU B . 8.17 -11.24 -0.19
C4 GCU B . 7.32 -10.29 0.65
C5 GCU B . 7.73 -10.45 2.10
C6 GCU B . 7.00 -9.47 2.97
O1 GCU B . 9.55 -12.67 2.02
O2 GCU B . 8.71 -13.57 -0.44
O3 GCU B . 7.84 -11.11 -1.58
O4 GCU B . 7.45 -8.94 0.20
O5 GCU B . 7.45 -11.79 2.51
O6A GCU B . 5.76 -9.55 3.15
S DMS C . 9.80 0.99 -25.46
O DMS C . 10.60 1.55 -24.32
C1 DMS C . 9.55 -0.79 -25.20
C2 DMS C . 10.91 0.94 -26.88
S DMS D . -8.49 -1.69 -12.47
O DMS D . -8.35 -3.18 -12.60
C1 DMS D . -8.70 -1.01 -14.14
C2 DMS D . -6.84 -1.03 -12.17
S DMS E . 18.72 -12.14 2.32
O DMS E . 17.57 -11.24 2.00
C1 DMS E . 18.48 -13.72 1.45
C2 DMS E . 18.61 -12.71 4.05
S DMS F . 3.90 -0.68 -23.84
O DMS F . 3.61 0.26 -22.70
C1 DMS F . 5.65 -1.17 -23.93
C2 DMS F . 3.14 -2.29 -23.50
S DMS G . 9.86 7.72 16.01
O DMS G . 9.71 8.98 15.20
C1 DMS G . 11.55 7.08 15.84
C2 DMS G . 8.90 6.38 15.26
S DMS H . 9.39 -16.96 1.39
O DMS H . 10.50 -16.15 2.00
C1 DMS H . 8.45 -17.79 2.70
C2 DMS H . 10.12 -18.39 0.53
S DMS I . -18.89 8.30 12.64
O DMS I . -17.49 8.38 13.14
C1 DMS I . -19.73 9.90 12.77
C2 DMS I . -18.91 7.96 10.85
S DMS J . 15.50 -5.20 12.66
O DMS J . 14.10 -4.84 12.32
C1 DMS J . 15.72 -5.17 14.47
C2 DMS J . 16.60 -3.82 12.21
S DMS K . 4.42 -13.58 4.77
O DMS K . 5.27 -13.39 3.55
C1 DMS K . 5.45 -13.46 6.26
C2 DMS K . 3.92 -15.32 4.86
S DMS L . 16.24 16.20 0.90
O DMS L . 16.66 15.53 -0.37
C1 DMS L . 16.15 15.00 2.26
C2 DMS L . 17.59 17.26 1.49
S DMS M . 14.79 11.83 11.75
O DMS M . 16.17 11.36 12.12
C1 DMS M . 14.79 12.66 10.15
C2 DMS M . 14.28 13.21 12.81
NA NA N . -13.39 12.53 7.56
NA NA O . 13.75 -9.47 -7.32
C1 EDO P . -12.61 17.69 15.36
O1 EDO P . -13.39 18.27 16.40
C2 EDO P . -13.37 17.90 14.07
O2 EDO P . -13.72 19.29 14.02
C1 EDO Q . 3.65 -21.71 -11.12
O1 EDO Q . 3.91 -20.33 -10.82
C2 EDO Q . 2.35 -22.04 -10.42
O2 EDO Q . 2.14 -21.00 -9.44
C1 EDO R . 6.29 -10.31 7.89
O1 EDO R . 6.40 -9.09 8.63
C2 EDO R . 7.60 -10.57 7.16
O2 EDO R . 7.83 -9.50 6.23
C1 EDO S . 13.53 -12.62 3.30
O1 EDO S . 12.80 -13.86 3.39
C2 EDO S . 12.87 -11.57 4.18
O2 EDO S . 11.50 -11.39 3.78
C1 EDO T . -5.37 15.04 -2.15
O1 EDO T . -6.03 13.93 -1.55
C2 EDO T . -4.79 14.53 -3.45
O2 EDO T . -5.62 13.42 -3.82
C1 EDO U . 21.59 -8.83 -10.87
O1 EDO U . 22.01 -8.41 -9.57
C2 EDO U . 21.04 -7.64 -11.64
O2 EDO U . 22.10 -6.69 -11.85
C1 EDO V . 0.75 17.49 -4.77
O1 EDO V . -0.10 16.38 -4.43
C2 EDO V . 2.20 17.05 -4.75
O2 EDO V . 2.92 17.77 -5.76
C1 EDO W . 19.57 -14.57 -7.98
O1 EDO W . 18.13 -14.50 -8.04
C2 EDO W . 20.05 -13.99 -6.65
O2 EDO W . 19.98 -12.56 -6.67
C1 EDO X . -22.11 -5.43 13.54
O1 EDO X . -20.79 -4.84 13.63
C2 EDO X . -22.09 -6.58 12.55
O2 EDO X . -21.77 -6.10 11.23
C1 EDO Y . -13.19 14.65 5.00
O1 EDO Y . -12.55 13.51 5.57
C2 EDO Y . -13.46 14.42 3.54
O2 EDO Y . -12.29 14.82 2.82
C1 EDO Z . -13.76 -12.01 9.94
O1 EDO Z . -14.89 -12.56 9.26
C2 EDO Z . -13.65 -10.52 9.66
O2 EDO Z . -14.73 -9.83 10.28
C1 EDO AA . -8.12 -16.72 -1.45
O1 EDO AA . -8.85 -16.85 -0.22
C2 EDO AA . -8.93 -15.90 -2.44
O2 EDO AA . -8.12 -15.55 -3.57
N GLY BA . 11.61 -2.94 -23.79
CA GLY BA . 11.28 -4.32 -23.52
C GLY BA . 10.04 -4.46 -22.67
O GLY BA . 8.98 -3.92 -22.99
OXT GLY BA . 10.05 -5.11 -21.63
N GLY CA . -17.53 5.86 28.39
CA GLY CA . -16.09 5.65 28.27
C GLY CA . -15.67 5.93 26.84
O GLY CA . -16.45 5.59 25.94
OXT GLY CA . -14.61 6.51 26.57
N GLY DA . -8.91 -0.77 -5.44
CA GLY DA . -9.77 -0.04 -6.36
C GLY DA . -11.03 0.48 -5.67
O GLY DA . -11.66 1.43 -6.13
OXT GLY DA . -11.41 -0.02 -4.62
N GLY EA . -18.72 14.33 7.78
CA GLY EA . -17.56 13.57 7.35
C GLY EA . -16.28 14.40 7.32
O GLY EA . -16.30 15.59 7.03
OXT GLY EA . -15.20 13.89 7.59
#